data_3MWG
#
_entry.id   3MWG
#
_cell.length_a   42.136
_cell.length_b   61.513
_cell.length_c   114.649
_cell.angle_alpha   90.000
_cell.angle_beta   100.080
_cell.angle_gamma   90.000
#
_symmetry.space_group_name_H-M   'P 1 21 1'
#
loop_
_entity.id
_entity.type
_entity.pdbx_description
1 polymer 'Iron-regulated ABC transporter siderophore-binding protein SirA'
2 water water
#
_entity_poly.entity_id   1
_entity_poly.type   'polypeptide(L)'
_entity_poly.pdbx_seq_one_letter_code
;GSKRVVTLYQGATDVAVSLGVKPVGAVESWTQKPKFEYIKNDLKDTKIVGQEPAPNLEEISKLKPDLIVASKVRNEKVYD
QLSKIAPTVSTDTVFKFKDTTKL(MSE)GKALGKEKEAEDLLKKYDDKVAAFQKDAKAKYKDAWPLKASVVNFRADHTRI
YAGGYAGEILNDLGFKRNKDLQKQVDNGKDIIQLTSKESIPL(MSE)NADHIFVVKSDPNAKDAALVKKTESEWTSSKEW
KNLDAVKNNQVSDDLDEITWNLAGGYKSSLKLIDDLYEKLNIEKQSK
;
_entity_poly.pdbx_strand_id   A,B
#
# COMPACT_ATOMS: atom_id res chain seq x y z
N LYS A 3 -13.19 6.31 -10.37
CA LYS A 3 -13.25 7.21 -11.54
C LYS A 3 -12.10 8.25 -11.62
N ARG A 4 -11.70 8.85 -10.49
CA ARG A 4 -10.54 9.76 -10.51
C ARG A 4 -9.27 8.98 -10.18
N VAL A 5 -8.47 8.66 -11.20
CA VAL A 5 -7.34 7.75 -10.98
C VAL A 5 -6.00 8.44 -11.19
N VAL A 6 -5.04 8.13 -10.32
CA VAL A 6 -3.67 8.57 -10.55
C VAL A 6 -2.79 7.36 -10.89
N THR A 7 -2.08 7.41 -12.01
CA THR A 7 -1.22 6.28 -12.42
C THR A 7 0.25 6.67 -12.32
N LEU A 8 1.01 5.82 -11.63
CA LEU A 8 2.37 6.15 -11.21
C LEU A 8 3.46 5.40 -12.01
N TYR A 9 3.02 4.72 -13.06
CA TYR A 9 3.99 4.24 -14.05
C TYR A 9 3.41 4.28 -15.45
N GLN A 10 4.29 4.41 -16.45
CA GLN A 10 3.88 4.63 -17.86
C GLN A 10 2.77 3.65 -18.27
N GLY A 11 2.99 2.36 -17.98
CA GLY A 11 2.09 1.32 -18.46
C GLY A 11 0.71 1.44 -17.87
N ALA A 12 0.63 1.87 -16.62
CA ALA A 12 -0.66 2.04 -15.94
C ALA A 12 -1.44 3.20 -16.55
N THR A 13 -0.72 4.25 -16.93
CA THR A 13 -1.33 5.38 -17.61
C THR A 13 -1.96 4.93 -18.94
N ASP A 14 -1.21 4.11 -19.68
CA ASP A 14 -1.62 3.61 -20.98
C ASP A 14 -2.82 2.66 -20.80
N VAL A 15 -2.73 1.79 -19.78
CA VAL A 15 -3.85 0.90 -19.47
C VAL A 15 -5.13 1.65 -19.09
N ALA A 16 -5.00 2.70 -18.28
CA ALA A 16 -6.19 3.49 -17.90
C ALA A 16 -6.88 4.03 -19.16
N VAL A 17 -6.10 4.65 -20.03
CA VAL A 17 -6.63 5.17 -21.30
C VAL A 17 -7.26 4.02 -22.10
N SER A 18 -6.55 2.88 -22.18
CA SER A 18 -7.03 1.73 -22.95
C SER A 18 -8.38 1.16 -22.43
N LEU A 19 -8.62 1.34 -21.12
CA LEU A 19 -9.87 0.95 -20.48
C LEU A 19 -10.96 2.05 -20.55
N GLY A 20 -10.72 3.12 -21.29
CA GLY A 20 -11.66 4.24 -21.34
C GLY A 20 -11.67 5.18 -20.14
N VAL A 21 -10.63 5.16 -19.33
CA VAL A 21 -10.57 6.08 -18.19
C VAL A 21 -9.40 7.06 -18.36
N LYS A 22 -9.68 8.37 -18.45
CA LYS A 22 -8.58 9.34 -18.48
C LYS A 22 -8.10 9.63 -17.05
N PRO A 23 -6.80 9.36 -16.78
CA PRO A 23 -6.30 9.60 -15.42
C PRO A 23 -6.29 11.09 -15.09
N VAL A 24 -6.59 11.43 -13.83
CA VAL A 24 -6.55 12.84 -13.41
C VAL A 24 -5.11 13.28 -13.16
N GLY A 25 -4.25 12.31 -12.84
CA GLY A 25 -2.82 12.55 -12.62
C GLY A 25 -2.03 11.38 -13.18
N ALA A 26 -0.85 11.65 -13.74
CA ALA A 26 0.00 10.59 -14.27
C ALA A 26 1.43 11.03 -14.09
N VAL A 27 2.37 10.09 -14.10
CA VAL A 27 3.79 10.43 -14.09
C VAL A 27 4.23 10.89 -15.47
N GLU A 28 5.25 11.76 -15.47
CA GLU A 28 5.88 12.26 -16.69
C GLU A 28 6.41 11.10 -17.54
N SER A 29 6.25 11.24 -18.86
CA SER A 29 6.82 10.31 -19.83
C SER A 29 8.35 10.33 -19.79
N TRP A 30 8.97 9.21 -20.14
CA TRP A 30 10.44 9.13 -20.10
C TRP A 30 11.13 10.00 -21.14
N THR A 31 10.47 10.16 -22.30
CA THR A 31 10.95 10.97 -23.43
C THR A 31 9.72 11.63 -24.02
N GLN A 32 9.90 12.55 -24.97
CA GLN A 32 8.77 13.31 -25.54
C GLN A 32 7.98 14.00 -24.40
N LYS A 33 8.72 14.54 -23.44
CA LYS A 33 8.17 15.03 -22.18
C LYS A 33 7.24 16.20 -22.46
N PRO A 34 6.15 16.34 -21.68
CA PRO A 34 5.80 15.52 -20.51
C PRO A 34 4.92 14.28 -20.80
N LYS A 35 4.41 14.14 -22.03
CA LYS A 35 3.47 13.08 -22.40
C LYS A 35 3.85 12.55 -23.77
N PHE A 36 3.98 11.23 -23.88
CA PHE A 36 4.34 10.61 -25.14
C PHE A 36 3.36 11.06 -26.22
N GLU A 37 3.89 11.29 -27.42
CA GLU A 37 3.09 11.68 -28.59
C GLU A 37 1.91 10.76 -28.84
N TYR A 38 2.13 9.45 -28.76
CA TYR A 38 1.10 8.47 -29.08
C TYR A 38 -0.14 8.56 -28.16
N ILE A 39 -0.01 9.18 -26.99
CA ILE A 39 -1.09 9.14 -26.00
C ILE A 39 -1.47 10.51 -25.45
N LYS A 40 -0.74 11.55 -25.85
CA LYS A 40 -0.90 12.88 -25.23
C LYS A 40 -2.30 13.49 -25.45
N ASN A 41 -2.94 13.13 -26.56
CA ASN A 41 -4.29 13.62 -26.85
C ASN A 41 -5.33 12.95 -25.97
N ASP A 42 -5.00 11.78 -25.45
CA ASP A 42 -5.88 11.10 -24.52
C ASP A 42 -5.65 11.60 -23.10
N LEU A 43 -4.66 12.46 -22.90
CA LEU A 43 -4.28 12.89 -21.57
C LEU A 43 -4.42 14.41 -21.39
N LYS A 44 -5.43 15.00 -22.06
CA LYS A 44 -5.47 16.46 -22.20
C LYS A 44 -5.43 17.28 -20.89
N ASP A 45 -6.28 16.97 -19.93
CA ASP A 45 -6.20 17.73 -18.69
C ASP A 45 -5.60 16.91 -17.54
N THR A 46 -4.84 15.87 -17.89
CA THR A 46 -4.13 15.04 -16.89
C THR A 46 -3.01 15.85 -16.27
N LYS A 47 -3.00 15.96 -14.94
CA LYS A 47 -1.93 16.64 -14.23
C LYS A 47 -0.70 15.74 -14.12
N ILE A 48 0.47 16.23 -14.53
CA ILE A 48 1.72 15.50 -14.35
C ILE A 48 2.11 15.60 -12.88
N VAL A 49 2.18 14.46 -12.20
CA VAL A 49 2.48 14.46 -10.76
C VAL A 49 3.95 14.20 -10.47
N GLY A 50 4.83 14.47 -11.43
CA GLY A 50 6.24 14.29 -11.18
C GLY A 50 6.81 13.11 -11.97
N GLN A 51 8.02 12.73 -11.65
CA GLN A 51 8.77 11.74 -12.39
C GLN A 51 8.54 10.37 -11.77
N GLU A 52 8.52 9.34 -12.61
CA GLU A 52 8.25 7.98 -12.14
C GLU A 52 9.14 7.48 -10.97
N PRO A 53 10.46 7.84 -10.95
CA PRO A 53 11.24 7.46 -9.76
C PRO A 53 10.81 8.09 -8.42
N ALA A 54 10.11 9.21 -8.44
CA ALA A 54 9.77 9.91 -7.20
C ALA A 54 8.59 10.86 -7.45
N PRO A 55 7.36 10.31 -7.62
CA PRO A 55 6.23 11.17 -7.91
C PRO A 55 5.98 12.09 -6.71
N ASN A 56 5.41 13.27 -6.96
CA ASN A 56 5.18 14.27 -5.90
C ASN A 56 3.87 13.95 -5.18
N LEU A 57 3.97 13.59 -3.92
CA LEU A 57 2.83 13.08 -3.15
C LEU A 57 1.79 14.18 -2.89
N GLU A 58 2.25 15.41 -2.66
CA GLU A 58 1.35 16.56 -2.47
C GLU A 58 0.50 16.79 -3.73
N GLU A 59 1.14 16.77 -4.90
CA GLU A 59 0.40 16.90 -6.18
C GLU A 59 -0.66 15.80 -6.32
N ILE A 60 -0.31 14.56 -5.93
CA ILE A 60 -1.27 13.45 -5.96
C ILE A 60 -2.43 13.74 -5.00
N SER A 61 -2.07 14.18 -3.80
CA SER A 61 -3.07 14.51 -2.79
C SER A 61 -4.04 15.60 -3.24
N LYS A 62 -3.50 16.66 -3.83
CA LYS A 62 -4.35 17.77 -4.31
C LYS A 62 -5.39 17.33 -5.33
N LEU A 63 -5.08 16.31 -6.12
CA LEU A 63 -5.99 15.83 -7.18
C LEU A 63 -7.21 15.03 -6.67
N LYS A 64 -7.24 14.77 -5.37
CA LYS A 64 -8.27 13.98 -4.69
C LYS A 64 -8.68 12.70 -5.44
N PRO A 65 -7.71 11.79 -5.68
CA PRO A 65 -8.07 10.63 -6.48
C PRO A 65 -8.99 9.67 -5.74
N ASP A 66 -9.71 8.84 -6.49
CA ASP A 66 -10.45 7.72 -5.89
C ASP A 66 -9.55 6.49 -5.89
N LEU A 67 -8.55 6.48 -6.75
CA LEU A 67 -7.70 5.30 -6.87
C LEU A 67 -6.30 5.70 -7.33
N ILE A 68 -5.28 5.12 -6.68
CA ILE A 68 -3.88 5.30 -7.09
C ILE A 68 -3.35 3.93 -7.58
N VAL A 69 -2.73 3.90 -8.76
CA VAL A 69 -2.09 2.68 -9.24
C VAL A 69 -0.58 2.87 -9.08
N ALA A 70 0.03 2.07 -8.20
CA ALA A 70 1.45 2.12 -7.83
C ALA A 70 2.16 0.85 -8.29
N SER A 71 3.47 0.79 -8.13
CA SER A 71 4.22 -0.42 -8.39
C SER A 71 5.16 -0.59 -7.22
N LYS A 72 5.52 -1.85 -6.93
CA LYS A 72 6.46 -2.12 -5.85
C LYS A 72 7.83 -1.53 -6.23
N VAL A 73 8.20 -1.69 -7.50
CA VAL A 73 9.53 -1.31 -7.92
C VAL A 73 9.77 0.21 -7.81
N ARG A 74 8.76 1.03 -8.04
CA ARG A 74 8.93 2.48 -7.90
C ARG A 74 8.51 3.01 -6.54
N ASN A 75 7.45 2.46 -5.95
CA ASN A 75 6.79 3.19 -4.86
C ASN A 75 6.83 2.49 -3.51
N GLU A 76 7.60 1.42 -3.45
CA GLU A 76 7.73 0.57 -2.28
C GLU A 76 7.92 1.40 -1.02
N LYS A 77 8.68 2.48 -1.10
CA LYS A 77 8.98 3.20 0.12
C LYS A 77 7.93 4.22 0.52
N VAL A 78 6.87 4.36 -0.29
CA VAL A 78 5.81 5.30 0.06
C VAL A 78 4.39 4.73 0.11
N TYR A 79 4.24 3.42 0.13
CA TYR A 79 2.89 2.81 0.18
C TYR A 79 2.01 3.36 1.33
N ASP A 80 2.59 3.52 2.50
CA ASP A 80 1.89 4.08 3.67
C ASP A 80 1.35 5.47 3.40
N GLN A 81 2.04 6.24 2.58
CA GLN A 81 1.65 7.60 2.31
C GLN A 81 0.58 7.66 1.22
N LEU A 82 0.78 6.87 0.17
CA LEU A 82 -0.21 6.77 -0.91
C LEU A 82 -1.56 6.28 -0.37
N SER A 83 -1.53 5.26 0.48
CA SER A 83 -2.75 4.64 0.91
C SER A 83 -3.47 5.49 1.98
N LYS A 84 -2.79 6.50 2.52
CA LYS A 84 -3.43 7.56 3.30
C LYS A 84 -4.25 8.49 2.41
N ILE A 85 -3.84 8.67 1.17
CA ILE A 85 -4.47 9.66 0.30
C ILE A 85 -5.71 9.02 -0.38
N ALA A 86 -5.57 7.80 -0.88
CA ALA A 86 -6.66 7.11 -1.58
C ALA A 86 -6.39 5.62 -1.63
N PRO A 87 -7.46 4.81 -1.81
CA PRO A 87 -7.25 3.39 -2.07
C PRO A 87 -6.20 3.19 -3.17
N THR A 88 -5.23 2.33 -2.88
CA THR A 88 -4.06 2.16 -3.73
C THR A 88 -3.95 0.70 -4.15
N VAL A 89 -3.73 0.49 -5.45
CA VAL A 89 -3.41 -0.84 -5.97
C VAL A 89 -1.97 -0.88 -6.51
N SER A 90 -1.42 -2.09 -6.62
CA SER A 90 0.00 -2.24 -6.95
C SER A 90 0.21 -3.47 -7.82
N THR A 91 1.16 -3.33 -8.76
CA THR A 91 1.81 -4.46 -9.42
C THR A 91 3.25 -4.50 -8.95
N ASP A 92 3.90 -5.66 -9.00
CA ASP A 92 5.29 -5.74 -8.59
C ASP A 92 6.21 -5.00 -9.57
N THR A 93 5.92 -5.08 -10.87
CA THR A 93 6.77 -4.48 -11.92
C THR A 93 5.98 -3.48 -12.74
N VAL A 94 6.65 -2.72 -13.60
CA VAL A 94 5.95 -1.73 -14.43
C VAL A 94 5.59 -2.25 -15.83
N PHE A 95 6.04 -3.44 -16.20
CA PHE A 95 6.00 -3.88 -17.61
C PHE A 95 5.06 -5.04 -17.92
N LYS A 96 4.45 -5.62 -16.88
CA LYS A 96 3.60 -6.82 -17.07
C LYS A 96 2.19 -6.33 -17.33
N PHE A 97 1.99 -5.76 -18.53
CA PHE A 97 0.78 -5.03 -18.85
C PHE A 97 -0.50 -5.86 -18.76
N LYS A 98 -0.40 -7.18 -18.88
CA LYS A 98 -1.57 -8.05 -18.69
C LYS A 98 -2.03 -8.06 -17.23
N ASP A 99 -1.09 -8.13 -16.28
CA ASP A 99 -1.45 -7.97 -14.84
C ASP A 99 -1.93 -6.56 -14.53
N THR A 100 -1.37 -5.56 -15.19
CA THR A 100 -1.78 -4.18 -14.95
C THR A 100 -3.25 -4.05 -15.41
N THR A 101 -3.53 -4.59 -16.60
CA THR A 101 -4.87 -4.57 -17.18
C THR A 101 -5.90 -5.27 -16.29
N LYS A 102 -5.61 -6.49 -15.83
CA LYS A 102 -6.51 -7.24 -14.95
C LYS A 102 -6.75 -6.54 -13.62
N LEU A 103 -5.67 -6.20 -12.93
CA LEU A 103 -5.77 -5.43 -11.69
C LEU A 103 -6.60 -4.13 -11.82
N GLY A 105 -8.69 -3.24 -14.37
CA GLY A 105 -10.04 -3.74 -14.69
C GLY A 105 -10.86 -3.96 -13.43
N LYS A 106 -10.36 -4.79 -12.51
CA LYS A 106 -11.03 -4.98 -11.22
C LYS A 106 -11.23 -3.65 -10.48
N ALA A 107 -10.13 -2.90 -10.33
CA ALA A 107 -10.15 -1.71 -9.49
C ALA A 107 -11.08 -0.61 -9.98
N LEU A 108 -11.26 -0.51 -11.30
CA LEU A 108 -12.07 0.55 -11.93
C LEU A 108 -13.50 0.10 -12.28
N GLY A 109 -13.85 -1.13 -11.94
CA GLY A 109 -15.15 -1.70 -12.38
C GLY A 109 -15.22 -1.77 -13.91
N LYS A 110 -14.07 -2.03 -14.53
CA LYS A 110 -13.97 -2.17 -15.99
C LYS A 110 -13.55 -3.58 -16.37
N GLU A 111 -14.11 -4.58 -15.69
CA GLU A 111 -13.67 -5.97 -15.83
C GLU A 111 -13.91 -6.52 -17.23
N LYS A 112 -15.08 -6.22 -17.78
CA LYS A 112 -15.43 -6.61 -19.14
C LYS A 112 -14.52 -5.92 -20.19
N GLU A 113 -14.27 -4.62 -20.00
CA GLU A 113 -13.35 -3.89 -20.86
C GLU A 113 -11.96 -4.55 -20.83
N ALA A 114 -11.45 -4.84 -19.63
CA ALA A 114 -10.18 -5.53 -19.45
C ALA A 114 -10.15 -6.87 -20.19
N GLU A 115 -11.21 -7.66 -20.03
CA GLU A 115 -11.32 -8.96 -20.69
C GLU A 115 -11.33 -8.84 -22.20
N ASP A 116 -12.00 -7.82 -22.73
CA ASP A 116 -12.02 -7.56 -24.17
C ASP A 116 -10.60 -7.19 -24.67
N LEU A 117 -9.92 -6.32 -23.93
CA LEU A 117 -8.54 -5.94 -24.27
C LEU A 117 -7.62 -7.17 -24.38
N LEU A 118 -7.66 -8.01 -23.37
CA LEU A 118 -6.74 -9.13 -23.30
C LEU A 118 -7.09 -10.16 -24.36
N LYS A 119 -8.39 -10.29 -24.66
CA LYS A 119 -8.82 -11.15 -25.76
C LYS A 119 -8.24 -10.69 -27.10
N LYS A 120 -8.31 -9.38 -27.35
CA LYS A 120 -7.77 -8.79 -28.57
C LYS A 120 -6.26 -9.04 -28.64
N TYR A 121 -5.59 -8.88 -27.50
CA TYR A 121 -4.17 -9.20 -27.44
C TYR A 121 -3.92 -10.71 -27.69
N ASP A 122 -4.69 -11.56 -27.03
CA ASP A 122 -4.50 -13.00 -27.17
C ASP A 122 -4.72 -13.47 -28.61
N ASP A 123 -5.75 -12.90 -29.26
CA ASP A 123 -6.03 -13.19 -30.67
C ASP A 123 -4.88 -12.78 -31.60
N LYS A 124 -4.37 -11.57 -31.42
CA LYS A 124 -3.26 -11.09 -32.25
C LYS A 124 -2.02 -11.96 -32.06
N VAL A 125 -1.74 -12.37 -30.83
CA VAL A 125 -0.63 -13.29 -30.52
C VAL A 125 -0.81 -14.63 -31.25
N ALA A 126 -2.00 -15.24 -31.11
CA ALA A 126 -2.27 -16.53 -31.77
C ALA A 126 -2.13 -16.44 -33.29
N ALA A 127 -2.67 -15.37 -33.89
CA ALA A 127 -2.54 -15.16 -35.33
C ALA A 127 -1.05 -14.99 -35.73
N PHE A 128 -0.30 -14.26 -34.91
CA PHE A 128 1.12 -14.10 -35.20
C PHE A 128 1.86 -15.44 -35.15
N GLN A 129 1.58 -16.27 -34.15
CA GLN A 129 2.23 -17.57 -34.09
C GLN A 129 1.96 -18.40 -35.35
N LYS A 130 0.70 -18.41 -35.77
CA LYS A 130 0.32 -19.09 -37.00
C LYS A 130 1.04 -18.50 -38.21
N ASP A 131 1.01 -17.19 -38.33
CA ASP A 131 1.69 -16.53 -39.46
C ASP A 131 3.20 -16.76 -39.48
N ALA A 132 3.84 -16.70 -38.30
CA ALA A 132 5.31 -16.94 -38.23
C ALA A 132 5.68 -18.40 -38.59
N LYS A 133 4.88 -19.33 -38.09
CA LYS A 133 5.07 -20.75 -38.42
C LYS A 133 4.93 -20.93 -39.94
N ALA A 134 3.98 -20.22 -40.55
CA ALA A 134 3.82 -20.36 -41.98
C ALA A 134 5.05 -19.83 -42.70
N LYS A 135 5.66 -18.77 -42.19
CA LYS A 135 6.86 -18.24 -42.83
C LYS A 135 8.11 -19.09 -42.59
N TYR A 136 8.39 -19.40 -41.34
CA TYR A 136 9.64 -20.02 -40.95
C TYR A 136 9.65 -21.56 -40.96
N LYS A 137 8.47 -22.17 -40.89
CA LYS A 137 8.33 -23.64 -41.05
C LYS A 137 9.18 -24.39 -40.01
N ASP A 138 10.11 -25.25 -40.44
CA ASP A 138 10.94 -26.02 -39.47
C ASP A 138 11.88 -25.18 -38.63
N ALA A 139 12.17 -23.95 -39.06
CA ALA A 139 13.01 -23.02 -38.24
C ALA A 139 12.23 -22.37 -37.11
N TRP A 140 10.89 -22.51 -37.13
CA TRP A 140 10.05 -21.94 -36.09
C TRP A 140 9.97 -22.96 -34.96
N PRO A 141 10.13 -22.56 -33.67
CA PRO A 141 10.33 -21.22 -33.10
C PRO A 141 11.78 -20.72 -33.24
N LEU A 142 11.91 -19.45 -33.58
CA LEU A 142 13.21 -18.80 -33.64
C LEU A 142 13.66 -18.42 -32.23
N LYS A 143 14.96 -18.49 -31.98
CA LYS A 143 15.53 -17.84 -30.79
C LYS A 143 15.76 -16.38 -31.13
N ALA A 144 15.40 -15.50 -30.19
CA ALA A 144 15.49 -14.06 -30.39
C ALA A 144 16.34 -13.49 -29.29
N SER A 145 16.92 -12.32 -29.53
CA SER A 145 17.46 -11.51 -28.43
C SER A 145 17.18 -10.06 -28.76
N VAL A 146 17.01 -9.28 -27.69
CA VAL A 146 16.67 -7.86 -27.82
C VAL A 146 17.79 -7.08 -27.14
N VAL A 147 18.41 -6.19 -27.90
CA VAL A 147 19.67 -5.57 -27.55
C VAL A 147 19.54 -4.05 -27.66
N ASN A 148 20.19 -3.33 -26.75
CA ASN A 148 20.16 -1.87 -26.76
C ASN A 148 21.56 -1.31 -26.42
N PHE A 149 22.14 -0.56 -27.36
CA PHE A 149 23.47 0.04 -27.10
C PHE A 149 23.37 1.34 -26.30
N ARG A 150 24.29 1.51 -25.35
CA ARG A 150 24.30 2.66 -24.45
C ARG A 150 25.64 3.39 -24.48
N ALA A 151 25.79 4.42 -23.65
CA ALA A 151 27.03 5.20 -23.66
C ALA A 151 28.24 4.35 -23.28
N ASP A 152 28.16 3.66 -22.15
CA ASP A 152 29.32 2.92 -21.63
C ASP A 152 29.16 1.39 -21.68
N HIS A 153 27.96 0.92 -22.00
CA HIS A 153 27.66 -0.51 -21.96
C HIS A 153 26.58 -0.93 -22.99
N THR A 154 26.38 -2.23 -23.13
CA THR A 154 25.33 -2.78 -23.97
C THR A 154 24.36 -3.57 -23.10
N ARG A 155 23.07 -3.42 -23.36
CA ARG A 155 22.06 -4.12 -22.62
C ARG A 155 21.43 -5.24 -23.47
N ILE A 156 21.10 -6.35 -22.83
CA ILE A 156 20.17 -7.33 -23.42
C ILE A 156 18.89 -7.30 -22.60
N TYR A 157 17.75 -7.13 -23.26
CA TYR A 157 16.42 -7.14 -22.64
C TYR A 157 15.89 -8.56 -22.69
N ALA A 158 16.49 -9.42 -21.86
CA ALA A 158 16.14 -10.85 -21.81
C ALA A 158 14.66 -11.04 -21.40
N GLY A 159 14.29 -10.35 -20.32
CA GLY A 159 12.93 -10.34 -19.78
C GLY A 159 12.39 -8.95 -20.05
N GLY A 160 11.68 -8.37 -19.08
CA GLY A 160 11.11 -7.02 -19.25
C GLY A 160 10.01 -6.95 -20.32
N TYR A 161 9.68 -5.73 -20.71
CA TYR A 161 8.52 -5.47 -21.57
C TYR A 161 8.53 -6.30 -22.88
N ALA A 162 9.53 -6.10 -23.72
CA ALA A 162 9.60 -6.81 -25.01
C ALA A 162 9.83 -8.30 -24.87
N GLY A 163 10.70 -8.69 -23.92
CA GLY A 163 11.06 -10.08 -23.75
C GLY A 163 9.89 -10.96 -23.38
N GLU A 164 8.98 -10.42 -22.56
CA GLU A 164 7.75 -11.14 -22.27
C GLU A 164 6.79 -11.25 -23.45
N ILE A 165 6.69 -10.19 -24.26
CA ILE A 165 5.78 -10.22 -25.42
C ILE A 165 6.32 -11.24 -26.43
N LEU A 166 7.63 -11.17 -26.69
CA LEU A 166 8.28 -12.12 -27.58
C LEU A 166 8.08 -13.55 -27.12
N ASN A 167 8.12 -13.75 -25.80
CA ASN A 167 7.83 -15.05 -25.24
C ASN A 167 6.37 -15.48 -25.49
N ASP A 168 5.40 -14.58 -25.26
CA ASP A 168 4.01 -14.90 -25.62
C ASP A 168 3.93 -15.29 -27.09
N LEU A 169 4.74 -14.62 -27.90
CA LEU A 169 4.67 -14.79 -29.35
C LEU A 169 5.33 -16.07 -29.86
N GLY A 170 6.01 -16.81 -28.96
CA GLY A 170 6.61 -18.11 -29.36
C GLY A 170 8.11 -18.10 -29.58
N PHE A 171 8.74 -16.91 -29.58
CA PHE A 171 10.19 -16.84 -29.62
C PHE A 171 10.85 -17.53 -28.43
N LYS A 172 12.02 -18.14 -28.66
CA LYS A 172 12.80 -18.77 -27.58
C LYS A 172 14.08 -17.97 -27.31
N ARG A 173 14.91 -18.46 -26.41
CA ARG A 173 16.22 -17.84 -26.11
C ARG A 173 17.36 -18.89 -26.13
N ASN A 174 18.60 -18.47 -26.41
CA ASN A 174 19.72 -19.41 -26.31
C ASN A 174 19.78 -19.90 -24.85
N LYS A 175 20.37 -21.06 -24.60
CA LYS A 175 20.30 -21.62 -23.23
C LYS A 175 20.92 -20.71 -22.16
N ASP A 176 22.01 -20.02 -22.49
CA ASP A 176 22.66 -19.19 -21.47
C ASP A 176 21.82 -17.98 -21.09
N LEU A 177 21.20 -17.34 -22.09
CA LEU A 177 20.26 -16.24 -21.85
C LEU A 177 19.01 -16.66 -21.06
N GLN A 178 18.44 -17.80 -21.43
CA GLN A 178 17.27 -18.35 -20.73
C GLN A 178 17.56 -18.62 -19.25
N LYS A 179 18.75 -19.16 -18.95
CA LYS A 179 19.15 -19.39 -17.55
C LYS A 179 19.09 -18.09 -16.75
N GLN A 180 19.59 -16.99 -17.35
CA GLN A 180 19.57 -15.66 -16.74
C GLN A 180 18.16 -15.12 -16.50
N VAL A 181 17.26 -15.35 -17.46
CA VAL A 181 15.82 -15.08 -17.25
C VAL A 181 15.23 -15.94 -16.10
N ASP A 182 15.55 -17.22 -16.10
CA ASP A 182 15.13 -18.12 -15.03
C ASP A 182 15.57 -17.64 -13.62
N ASN A 183 16.67 -16.90 -13.54
CA ASN A 183 17.20 -16.34 -12.29
C ASN A 183 16.68 -14.95 -11.94
N GLY A 184 15.64 -14.50 -12.66
CA GLY A 184 14.99 -13.23 -12.35
C GLY A 184 15.70 -12.01 -12.91
N LYS A 185 16.61 -12.23 -13.87
CA LYS A 185 17.19 -11.10 -14.58
C LYS A 185 16.28 -10.71 -15.75
N ASP A 186 15.97 -9.43 -15.84
CA ASP A 186 15.24 -8.90 -16.99
C ASP A 186 16.21 -8.14 -17.90
N ILE A 187 17.04 -7.29 -17.32
CA ILE A 187 18.03 -6.54 -18.06
C ILE A 187 19.45 -6.95 -17.67
N ILE A 188 20.27 -7.29 -18.66
CA ILE A 188 21.63 -7.70 -18.44
C ILE A 188 22.54 -6.68 -19.06
N GLN A 189 23.46 -6.14 -18.26
CA GLN A 189 24.41 -5.17 -18.72
C GLN A 189 25.71 -5.84 -19.09
N LEU A 190 26.21 -5.53 -20.28
CA LEU A 190 27.49 -6.08 -20.70
C LEU A 190 28.47 -4.95 -20.85
N THR A 191 29.67 -5.18 -20.33
CA THR A 191 30.77 -4.24 -20.49
C THR A 191 31.89 -4.85 -21.32
N SER A 192 31.94 -6.18 -21.35
CA SER A 192 32.97 -6.89 -22.10
C SER A 192 32.40 -7.53 -23.34
N LYS A 193 33.13 -7.41 -24.44
CA LYS A 193 32.75 -8.04 -25.69
C LYS A 193 32.85 -9.57 -25.62
N GLU A 194 33.54 -10.06 -24.60
CA GLU A 194 33.59 -11.52 -24.31
C GLU A 194 32.22 -12.07 -23.93
N SER A 195 31.33 -11.18 -23.48
CA SER A 195 29.98 -11.58 -23.17
C SER A 195 29.03 -11.52 -24.37
N ILE A 196 29.52 -11.05 -25.51
CA ILE A 196 28.67 -10.94 -26.72
C ILE A 196 27.90 -12.22 -27.13
N PRO A 197 28.52 -13.44 -26.99
CA PRO A 197 27.75 -14.67 -27.30
C PRO A 197 26.44 -14.85 -26.50
N LEU A 198 26.32 -14.17 -25.36
CA LEU A 198 25.08 -14.22 -24.56
C LEU A 198 23.86 -13.70 -25.36
N ASN A 200 23.54 -14.28 -28.63
CA ASN A 200 23.32 -15.15 -29.79
C ASN A 200 21.83 -15.55 -29.98
N ALA A 201 21.39 -15.56 -31.23
CA ALA A 201 19.99 -15.78 -31.53
C ALA A 201 19.90 -16.03 -33.03
N ASP A 202 18.76 -16.57 -33.47
CA ASP A 202 18.50 -16.67 -34.89
C ASP A 202 18.11 -15.29 -35.41
N HIS A 203 17.50 -14.46 -34.56
CA HIS A 203 17.14 -13.09 -34.99
C HIS A 203 17.40 -12.14 -33.84
N ILE A 204 18.08 -11.03 -34.15
CA ILE A 204 18.38 -10.03 -33.15
C ILE A 204 17.62 -8.73 -33.41
N PHE A 205 17.02 -8.20 -32.37
CA PHE A 205 16.24 -6.96 -32.48
C PHE A 205 16.98 -5.84 -31.74
N VAL A 206 17.38 -4.82 -32.46
CA VAL A 206 18.16 -3.74 -31.86
C VAL A 206 17.23 -2.55 -31.61
N VAL A 207 17.09 -2.24 -30.33
CA VAL A 207 16.22 -1.16 -29.91
C VAL A 207 17.04 0.11 -29.86
N LYS A 208 16.58 1.12 -30.56
CA LYS A 208 17.25 2.41 -30.63
C LYS A 208 16.95 3.34 -29.45
N SER A 209 17.99 3.80 -28.78
CA SER A 209 17.81 4.81 -27.72
C SER A 209 17.45 6.17 -28.35
N ASP A 210 16.61 6.93 -27.65
CA ASP A 210 16.27 8.32 -27.99
C ASP A 210 17.39 8.98 -28.82
N PRO A 211 17.16 9.21 -30.13
CA PRO A 211 18.17 9.90 -30.93
C PRO A 211 18.42 11.34 -30.49
N ASN A 212 17.47 11.93 -29.76
CA ASN A 212 17.64 13.31 -29.23
C ASN A 212 18.37 13.38 -27.88
N ALA A 213 18.65 12.23 -27.28
CA ALA A 213 19.41 12.19 -26.04
C ALA A 213 20.71 12.97 -26.21
N LYS A 214 21.11 13.65 -25.16
CA LYS A 214 22.32 14.48 -25.20
C LYS A 214 23.59 13.66 -25.47
N ASP A 215 23.55 12.35 -25.18
CA ASP A 215 24.70 11.48 -25.46
C ASP A 215 24.58 10.68 -26.76
N ALA A 216 23.63 11.04 -27.61
CA ALA A 216 23.37 10.30 -28.87
C ALA A 216 24.64 10.02 -29.64
N ALA A 217 25.61 10.93 -29.55
CA ALA A 217 26.92 10.76 -30.18
C ALA A 217 27.77 9.61 -29.57
N LEU A 218 27.91 9.57 -28.25
CA LEU A 218 28.61 8.47 -27.58
C LEU A 218 27.89 7.11 -27.67
N VAL A 219 26.58 7.15 -27.89
CA VAL A 219 25.83 5.90 -28.08
C VAL A 219 26.20 5.27 -29.44
N LYS A 220 26.21 6.08 -30.50
CA LYS A 220 26.55 5.60 -31.84
C LYS A 220 27.97 5.00 -31.85
N LYS A 221 28.86 5.65 -31.12
CA LYS A 221 30.23 5.18 -31.01
C LYS A 221 30.30 3.79 -30.39
N THR A 222 29.64 3.60 -29.24
CA THR A 222 29.56 2.28 -28.59
C THR A 222 28.95 1.22 -29.53
N GLU A 223 27.83 1.55 -30.15
CA GLU A 223 27.22 0.69 -31.14
C GLU A 223 28.21 0.35 -32.25
N SER A 224 28.93 1.35 -32.73
CA SER A 224 29.91 1.19 -33.79
C SER A 224 31.01 0.19 -33.40
N GLU A 225 31.58 0.33 -32.22
CA GLU A 225 32.62 -0.60 -31.78
C GLU A 225 32.10 -2.04 -31.68
N TRP A 226 31.00 -2.21 -30.96
CA TRP A 226 30.45 -3.52 -30.70
C TRP A 226 30.06 -4.23 -32.01
N THR A 227 29.40 -3.51 -32.91
CA THR A 227 28.94 -4.14 -34.17
C THR A 227 30.07 -4.33 -35.21
N SER A 228 31.29 -3.86 -34.88
CA SER A 228 32.49 -4.15 -35.67
C SER A 228 33.28 -5.32 -35.08
N SER A 229 33.01 -5.67 -33.83
CA SER A 229 33.77 -6.71 -33.13
C SER A 229 33.60 -8.07 -33.80
N LYS A 230 34.60 -8.93 -33.63
CA LYS A 230 34.56 -10.25 -34.24
C LYS A 230 33.50 -11.14 -33.60
N GLU A 231 33.22 -10.91 -32.31
CA GLU A 231 32.18 -11.68 -31.60
C GLU A 231 30.82 -11.37 -32.20
N TRP A 232 30.52 -10.10 -32.38
CA TRP A 232 29.26 -9.69 -33.02
C TRP A 232 29.14 -10.33 -34.41
N LYS A 233 30.26 -10.32 -35.14
CA LYS A 233 30.28 -10.86 -36.50
C LYS A 233 30.15 -12.38 -36.49
N ASN A 234 30.43 -13.04 -35.36
CA ASN A 234 30.22 -14.50 -35.26
C ASN A 234 28.82 -14.93 -34.76
N LEU A 235 27.99 -13.94 -34.40
CA LEU A 235 26.63 -14.26 -33.95
C LEU A 235 25.86 -14.87 -35.14
N ASP A 236 25.03 -15.87 -34.88
CA ASP A 236 24.25 -16.53 -35.94
C ASP A 236 23.39 -15.53 -36.72
N ALA A 237 22.67 -14.68 -35.99
CA ALA A 237 21.76 -13.70 -36.64
C ALA A 237 22.52 -12.76 -37.57
N VAL A 238 23.69 -12.36 -37.12
CA VAL A 238 24.55 -11.48 -37.91
C VAL A 238 25.08 -12.16 -39.19
N LYS A 239 25.67 -13.36 -39.07
CA LYS A 239 26.10 -14.14 -40.24
C LYS A 239 24.97 -14.40 -41.25
N ASN A 240 23.75 -14.59 -40.76
CA ASN A 240 22.59 -14.80 -41.63
C ASN A 240 21.78 -13.58 -42.00
N ASN A 241 22.30 -12.39 -41.67
CA ASN A 241 21.66 -11.14 -42.03
C ASN A 241 20.26 -11.03 -41.43
N GLN A 242 20.10 -11.43 -40.17
CA GLN A 242 18.82 -11.48 -39.49
C GLN A 242 18.87 -10.56 -38.24
N VAL A 243 19.19 -9.30 -38.48
CA VAL A 243 19.28 -8.29 -37.44
C VAL A 243 18.28 -7.22 -37.85
N SER A 244 17.36 -6.86 -36.96
CA SER A 244 16.44 -5.76 -37.21
C SER A 244 16.86 -4.60 -36.34
N ASP A 245 16.82 -3.45 -36.98
CA ASP A 245 17.44 -2.23 -36.53
C ASP A 245 16.37 -1.19 -36.22
N ASP A 246 16.77 -0.16 -35.49
CA ASP A 246 15.96 1.03 -35.42
C ASP A 246 14.56 0.81 -34.87
N LEU A 247 14.44 -0.08 -33.89
CA LEU A 247 13.16 -0.25 -33.23
C LEU A 247 12.95 0.87 -32.23
N ASP A 248 11.76 1.44 -32.29
CA ASP A 248 11.35 2.53 -31.44
C ASP A 248 11.33 2.09 -29.97
N GLU A 249 12.13 2.74 -29.12
CA GLU A 249 12.20 2.36 -27.70
C GLU A 249 10.91 2.64 -26.93
N ILE A 250 10.08 3.55 -27.42
CA ILE A 250 8.80 3.82 -26.76
C ILE A 250 7.91 2.57 -26.83
N THR A 251 7.77 2.02 -28.03
CA THR A 251 7.00 0.78 -28.27
C THR A 251 7.68 -0.44 -27.63
N TRP A 252 9.00 -0.50 -27.73
CA TRP A 252 9.74 -1.73 -27.37
C TRP A 252 10.11 -1.79 -25.88
N ASN A 253 9.97 -0.66 -25.17
CA ASN A 253 10.34 -0.62 -23.74
C ASN A 253 9.67 0.45 -22.83
N LEU A 254 9.68 1.72 -23.24
CA LEU A 254 9.36 2.83 -22.33
C LEU A 254 7.88 2.94 -21.97
N ALA A 255 7.01 2.78 -22.96
CA ALA A 255 5.58 3.00 -22.74
C ALA A 255 4.92 1.97 -21.82
N GLY A 256 5.35 0.70 -21.92
CA GLY A 256 5.05 -0.31 -20.90
C GLY A 256 3.63 -0.84 -20.85
N GLY A 257 2.79 -0.47 -21.81
CA GLY A 257 1.36 -0.66 -21.59
C GLY A 257 0.66 -1.56 -22.58
N TYR A 258 -0.65 -1.38 -22.64
CA TYR A 258 -1.44 -2.19 -23.55
C TYR A 258 -1.25 -1.82 -25.04
N LYS A 259 -1.31 -0.52 -25.33
CA LYS A 259 -1.32 -0.08 -26.74
C LYS A 259 -0.02 -0.46 -27.43
N SER A 260 1.10 -0.29 -26.74
CA SER A 260 2.40 -0.72 -27.31
C SER A 260 2.48 -2.19 -27.68
N SER A 261 1.75 -3.05 -26.99
CA SER A 261 1.87 -4.49 -27.24
C SER A 261 1.41 -4.81 -28.64
N LEU A 262 0.29 -4.22 -29.05
CA LEU A 262 -0.21 -4.34 -30.44
C LEU A 262 0.75 -3.73 -31.46
N LYS A 263 1.27 -2.53 -31.17
CA LYS A 263 2.22 -1.90 -32.08
C LYS A 263 3.48 -2.77 -32.23
N LEU A 264 3.96 -3.35 -31.13
CA LEU A 264 5.16 -4.19 -31.18
C LEU A 264 4.96 -5.39 -32.13
N ILE A 265 3.81 -6.05 -32.03
CA ILE A 265 3.47 -7.15 -32.94
C ILE A 265 3.45 -6.66 -34.40
N ASP A 266 2.87 -5.49 -34.65
CA ASP A 266 2.88 -4.91 -36.00
C ASP A 266 4.29 -4.66 -36.49
N ASP A 267 5.17 -4.18 -35.62
CA ASP A 267 6.60 -3.98 -35.96
C ASP A 267 7.23 -5.29 -36.37
N LEU A 268 6.89 -6.36 -35.66
CA LEU A 268 7.45 -7.67 -36.00
C LEU A 268 6.96 -8.12 -37.38
N TYR A 269 5.68 -7.93 -37.71
CA TYR A 269 5.21 -8.34 -39.05
C TYR A 269 6.01 -7.66 -40.17
N GLU A 270 6.19 -6.37 -40.03
CA GLU A 270 6.95 -5.58 -40.98
C GLU A 270 8.45 -5.88 -40.99
N LYS A 271 9.09 -5.90 -39.82
CA LYS A 271 10.56 -6.12 -39.77
C LYS A 271 10.95 -7.52 -40.27
N LEU A 272 10.14 -8.51 -39.97
CA LEU A 272 10.43 -9.90 -40.38
C LEU A 272 9.81 -10.23 -41.75
N ASN A 273 9.03 -9.30 -42.29
CA ASN A 273 8.35 -9.47 -43.57
C ASN A 273 7.48 -10.73 -43.55
N ILE A 274 6.61 -10.81 -42.54
CA ILE A 274 5.73 -11.94 -42.38
C ILE A 274 4.38 -11.59 -42.99
N GLU A 275 3.90 -12.42 -43.91
CA GLU A 275 2.55 -12.19 -44.45
C GLU A 275 1.52 -12.46 -43.36
N LYS A 276 0.56 -11.57 -43.16
CA LYS A 276 -0.55 -11.93 -42.27
C LYS A 276 -1.73 -12.52 -42.99
N GLN A 277 -1.85 -13.83 -42.92
CA GLN A 277 -2.88 -14.61 -43.62
C GLN A 277 -4.31 -14.31 -43.21
N SER A 278 -5.23 -14.47 -44.15
CA SER A 278 -6.66 -14.40 -43.85
C SER A 278 -7.43 -15.32 -44.79
N LYS B 3 -17.30 -2.34 -0.93
CA LYS B 3 -18.44 -2.98 -0.20
C LYS B 3 -18.09 -4.29 0.52
N ARG B 4 -17.27 -5.14 -0.09
CA ARG B 4 -16.63 -6.25 0.65
C ARG B 4 -15.33 -5.72 1.26
N VAL B 5 -15.32 -5.50 2.58
CA VAL B 5 -14.15 -4.88 3.23
C VAL B 5 -13.43 -5.86 4.17
N VAL B 6 -12.10 -5.83 4.16
CA VAL B 6 -11.30 -6.56 5.15
C VAL B 6 -10.59 -5.54 6.05
N THR B 7 -10.86 -5.63 7.35
CA THR B 7 -10.28 -4.69 8.32
C THR B 7 -9.12 -5.29 9.13
N LEU B 8 -7.95 -4.66 9.07
CA LEU B 8 -6.74 -5.26 9.65
C LEU B 8 -6.30 -4.75 11.01
N TYR B 9 -7.13 -3.92 11.63
CA TYR B 9 -6.98 -3.56 13.05
C TYR B 9 -8.33 -3.35 13.76
N GLN B 10 -8.34 -3.57 15.08
CA GLN B 10 -9.58 -3.53 15.87
C GLN B 10 -10.47 -2.34 15.54
N GLY B 11 -9.92 -1.13 15.62
CA GLY B 11 -10.71 0.11 15.41
C GLY B 11 -11.32 0.19 14.02
N ALA B 12 -10.62 -0.34 13.01
CA ALA B 12 -11.14 -0.31 11.63
C ALA B 12 -12.37 -1.23 11.51
N THR B 13 -12.30 -2.37 12.20
CA THR B 13 -13.43 -3.30 12.29
C THR B 13 -14.64 -2.58 12.95
N ASP B 14 -14.37 -1.98 14.11
CA ASP B 14 -15.37 -1.20 14.86
C ASP B 14 -15.95 -0.08 14.00
N VAL B 15 -15.08 0.65 13.28
CA VAL B 15 -15.55 1.73 12.42
C VAL B 15 -16.38 1.22 11.24
N ALA B 16 -15.95 0.13 10.61
CA ALA B 16 -16.72 -0.44 9.50
C ALA B 16 -18.16 -0.67 9.96
N VAL B 17 -18.30 -1.32 11.11
CA VAL B 17 -19.62 -1.62 11.70
C VAL B 17 -20.39 -0.33 12.06
N SER B 18 -19.72 0.63 12.73
CA SER B 18 -20.33 1.94 13.03
C SER B 18 -20.84 2.64 11.75
N LEU B 19 -20.31 2.26 10.60
CA LEU B 19 -20.69 2.91 9.33
C LEU B 19 -21.73 2.10 8.54
N GLY B 20 -22.17 0.97 9.10
CA GLY B 20 -23.23 0.14 8.51
C GLY B 20 -22.73 -1.00 7.65
N VAL B 21 -21.44 -1.30 7.74
CA VAL B 21 -20.80 -2.27 6.86
C VAL B 21 -20.26 -3.41 7.72
N LYS B 22 -20.68 -4.62 7.40
CA LYS B 22 -20.17 -5.81 8.06
C LYS B 22 -18.92 -6.18 7.28
N PRO B 23 -17.74 -6.13 7.93
CA PRO B 23 -16.53 -6.54 7.19
C PRO B 23 -16.64 -7.99 6.76
N VAL B 24 -16.26 -8.31 5.52
CA VAL B 24 -16.21 -9.72 5.12
C VAL B 24 -15.07 -10.45 5.82
N GLY B 25 -14.05 -9.69 6.25
CA GLY B 25 -12.88 -10.25 6.94
C GLY B 25 -12.35 -9.29 8.00
N ALA B 26 -11.83 -9.83 9.10
CA ALA B 26 -11.31 -8.95 10.14
C ALA B 26 -10.32 -9.70 10.97
N VAL B 27 -9.42 -8.96 11.62
CA VAL B 27 -8.47 -9.59 12.52
C VAL B 27 -9.16 -10.01 13.82
N GLU B 28 -8.56 -10.99 14.50
CA GLU B 28 -9.07 -11.58 15.73
C GLU B 28 -9.00 -10.54 16.84
N SER B 29 -9.98 -10.58 17.74
CA SER B 29 -10.00 -9.67 18.89
C SER B 29 -8.81 -9.93 19.82
N TRP B 30 -8.36 -8.91 20.53
CA TRP B 30 -7.26 -9.10 21.44
C TRP B 30 -7.68 -10.03 22.59
N THR B 31 -8.94 -9.93 23.00
CA THR B 31 -9.54 -10.73 24.08
C THR B 31 -10.99 -11.02 23.70
N GLN B 32 -11.64 -11.88 24.49
CA GLN B 32 -12.99 -12.40 24.16
C GLN B 32 -12.94 -13.01 22.75
N LYS B 33 -11.85 -13.74 22.49
CA LYS B 33 -11.59 -14.33 21.19
C LYS B 33 -12.72 -15.21 20.72
N PRO B 34 -13.02 -15.19 19.40
CA PRO B 34 -12.25 -14.43 18.39
C PRO B 34 -12.81 -13.03 18.08
N LYS B 35 -14.03 -12.77 18.54
CA LYS B 35 -14.79 -11.54 18.31
C LYS B 35 -15.31 -10.92 19.61
N PHE B 36 -15.00 -9.66 19.87
CA PHE B 36 -15.46 -8.95 21.09
C PHE B 36 -16.97 -9.10 21.31
N GLU B 37 -17.38 -9.33 22.56
CA GLU B 37 -18.81 -9.45 22.88
C GLU B 37 -19.63 -8.33 22.28
N TYR B 38 -19.20 -7.07 22.48
CA TYR B 38 -20.00 -5.91 22.07
C TYR B 38 -20.27 -5.84 20.56
N ILE B 39 -19.53 -6.62 19.78
CA ILE B 39 -19.56 -6.54 18.33
C ILE B 39 -19.79 -7.89 17.62
N LYS B 40 -19.65 -9.00 18.37
CA LYS B 40 -19.68 -10.32 17.73
C LYS B 40 -20.90 -10.62 16.83
N ASN B 41 -22.05 -10.00 17.09
CA ASN B 41 -23.24 -10.20 16.27
C ASN B 41 -23.20 -9.49 14.94
N ASP B 42 -22.60 -8.31 14.97
CA ASP B 42 -22.28 -7.57 13.77
C ASP B 42 -21.29 -8.32 12.91
N LEU B 43 -20.46 -9.13 13.56
CA LEU B 43 -19.43 -9.94 12.89
C LEU B 43 -19.79 -11.43 12.67
N LYS B 44 -21.08 -11.76 12.78
CA LYS B 44 -21.56 -13.16 12.60
C LYS B 44 -20.89 -13.87 11.43
N ASP B 45 -20.99 -13.24 10.27
CA ASP B 45 -20.55 -13.86 9.03
C ASP B 45 -19.11 -13.47 8.63
N THR B 46 -18.45 -12.68 9.47
CA THR B 46 -17.09 -12.19 9.25
C THR B 46 -16.08 -13.29 9.47
N LYS B 47 -15.28 -13.57 8.44
CA LYS B 47 -14.17 -14.51 8.52
C LYS B 47 -13.02 -13.86 9.27
N ILE B 48 -12.42 -14.59 10.21
CA ILE B 48 -11.27 -14.09 10.94
C ILE B 48 -10.02 -14.39 10.11
N VAL B 49 -9.25 -13.35 9.79
CA VAL B 49 -8.12 -13.51 8.87
C VAL B 49 -6.79 -13.60 9.61
N GLY B 50 -6.84 -14.01 10.87
CA GLY B 50 -5.62 -14.12 11.65
C GLY B 50 -5.51 -13.00 12.66
N GLN B 51 -4.33 -12.90 13.27
CA GLN B 51 -4.07 -11.99 14.36
C GLN B 51 -3.46 -10.68 13.84
N GLU B 52 -3.77 -9.60 14.55
CA GLU B 52 -3.41 -8.24 14.15
C GLU B 52 -1.94 -7.99 13.84
N PRO B 53 -1.00 -8.53 14.68
CA PRO B 53 0.40 -8.34 14.33
C PRO B 53 0.81 -8.99 12.99
N ALA B 54 0.10 -10.03 12.57
CA ALA B 54 0.51 -10.82 11.39
C ALA B 54 -0.64 -11.53 10.70
N PRO B 55 -1.53 -10.78 10.02
CA PRO B 55 -2.70 -11.41 9.43
C PRO B 55 -2.36 -12.34 8.27
N ASN B 56 -3.20 -13.35 8.05
CA ASN B 56 -2.92 -14.35 7.01
C ASN B 56 -3.32 -13.84 5.63
N LEU B 57 -2.31 -13.54 4.83
CA LEU B 57 -2.49 -12.92 3.51
C LEU B 57 -3.34 -13.77 2.56
N GLU B 58 -3.15 -15.09 2.61
CA GLU B 58 -3.93 -15.99 1.76
C GLU B 58 -5.42 -15.94 2.11
N GLU B 59 -5.75 -15.91 3.41
CA GLU B 59 -7.16 -15.76 3.83
C GLU B 59 -7.73 -14.43 3.40
N ILE B 60 -6.91 -13.39 3.37
CA ILE B 60 -7.40 -12.10 2.86
C ILE B 60 -7.69 -12.25 1.37
N SER B 61 -6.74 -12.82 0.63
CA SER B 61 -6.93 -13.04 -0.81
C SER B 61 -8.16 -13.88 -1.11
N LYS B 62 -8.40 -14.93 -0.32
CA LYS B 62 -9.51 -15.83 -0.58
C LYS B 62 -10.87 -15.17 -0.46
N LEU B 63 -10.95 -14.11 0.34
CA LEU B 63 -12.21 -13.38 0.49
C LEU B 63 -12.53 -12.43 -0.65
N LYS B 64 -11.61 -12.24 -1.59
CA LYS B 64 -11.80 -11.31 -2.71
C LYS B 64 -12.42 -10.00 -2.23
N PRO B 65 -11.67 -9.23 -1.42
CA PRO B 65 -12.26 -7.98 -0.92
C PRO B 65 -12.28 -6.90 -1.98
N ASP B 66 -13.16 -5.92 -1.82
CA ASP B 66 -13.09 -4.70 -2.63
C ASP B 66 -12.17 -3.68 -2.00
N LEU B 67 -11.94 -3.80 -0.70
CA LEU B 67 -11.16 -2.81 0.02
C LEU B 67 -10.47 -3.46 1.17
N ILE B 68 -9.20 -3.10 1.39
CA ILE B 68 -8.49 -3.57 2.57
C ILE B 68 -8.18 -2.33 3.41
N VAL B 69 -8.47 -2.40 4.71
CA VAL B 69 -8.09 -1.30 5.62
C VAL B 69 -6.86 -1.69 6.48
N ALA B 70 -5.73 -1.04 6.21
CA ALA B 70 -4.44 -1.41 6.82
C ALA B 70 -3.96 -0.31 7.76
N SER B 71 -2.89 -0.58 8.49
CA SER B 71 -2.17 0.49 9.23
C SER B 71 -0.70 0.33 8.97
N LYS B 72 0.02 1.43 9.02
CA LYS B 72 1.48 1.39 8.90
C LYS B 72 2.09 0.61 10.09
N VAL B 73 1.60 0.84 11.30
CA VAL B 73 2.20 0.19 12.48
C VAL B 73 2.13 -1.33 12.42
N ARG B 74 1.04 -1.91 11.89
CA ARG B 74 0.93 -3.37 11.79
C ARG B 74 1.41 -3.94 10.47
N ASN B 75 1.19 -3.20 9.37
CA ASN B 75 1.23 -3.83 8.04
C ASN B 75 2.32 -3.27 7.13
N GLU B 76 3.19 -2.44 7.67
CA GLU B 76 4.22 -1.77 6.92
C GLU B 76 5.04 -2.71 6.00
N LYS B 77 5.24 -3.96 6.42
CA LYS B 77 6.06 -4.92 5.66
C LYS B 77 5.31 -5.63 4.53
N VAL B 78 3.97 -5.46 4.45
CA VAL B 78 3.22 -6.24 3.47
C VAL B 78 2.30 -5.41 2.55
N TYR B 79 2.48 -4.08 2.51
CA TYR B 79 1.67 -3.23 1.62
C TYR B 79 1.67 -3.74 0.18
N ASP B 80 2.85 -4.14 -0.32
CA ASP B 80 3.03 -4.61 -1.69
C ASP B 80 2.12 -5.80 -1.99
N GLN B 81 1.92 -6.68 -1.00
CA GLN B 81 1.02 -7.80 -1.21
C GLN B 81 -0.44 -7.42 -0.98
N LEU B 82 -0.72 -6.58 0.02
CA LEU B 82 -2.13 -6.17 0.26
C LEU B 82 -2.68 -5.46 -0.98
N SER B 83 -1.91 -4.53 -1.52
CA SER B 83 -2.39 -3.73 -2.64
C SER B 83 -2.45 -4.48 -3.98
N LYS B 84 -1.82 -5.65 -4.07
CA LYS B 84 -2.07 -6.58 -5.21
C LYS B 84 -3.43 -7.26 -5.07
N ILE B 85 -3.88 -7.45 -3.84
CA ILE B 85 -5.12 -8.21 -3.58
C ILE B 85 -6.32 -7.33 -3.85
N ALA B 86 -6.25 -6.09 -3.38
CA ALA B 86 -7.38 -5.22 -3.51
C ALA B 86 -6.98 -3.78 -3.18
N PRO B 87 -7.74 -2.80 -3.67
CA PRO B 87 -7.50 -1.42 -3.25
C PRO B 87 -7.29 -1.33 -1.72
N THR B 88 -6.20 -0.70 -1.30
CA THR B 88 -5.84 -0.65 0.15
C THR B 88 -5.75 0.79 0.64
N VAL B 89 -6.39 1.09 1.78
CA VAL B 89 -6.17 2.37 2.47
C VAL B 89 -5.47 2.11 3.79
N SER B 90 -4.92 3.17 4.39
CA SER B 90 -4.15 3.00 5.62
C SER B 90 -4.16 4.24 6.51
N THR B 91 -4.02 4.01 7.80
CA THR B 91 -3.76 5.06 8.76
C THR B 91 -2.41 4.71 9.37
N ASP B 92 -1.73 5.71 9.92
CA ASP B 92 -0.41 5.49 10.52
C ASP B 92 -0.53 4.67 11.80
N THR B 93 -1.57 4.94 12.60
CA THR B 93 -1.76 4.23 13.87
C THR B 93 -3.08 3.44 13.88
N VAL B 94 -3.28 2.64 14.94
CA VAL B 94 -4.50 1.83 15.11
C VAL B 94 -5.59 2.50 15.97
N PHE B 95 -5.25 3.64 16.61
CA PHE B 95 -6.10 4.23 17.67
C PHE B 95 -6.73 5.58 17.38
N LYS B 96 -6.39 6.20 16.24
CA LYS B 96 -6.91 7.53 15.93
C LYS B 96 -8.21 7.38 15.16
N PHE B 97 -9.26 7.02 15.89
CA PHE B 97 -10.50 6.60 15.28
C PHE B 97 -11.17 7.63 14.39
N LYS B 98 -10.93 8.93 14.65
CA LYS B 98 -11.43 10.03 13.80
C LYS B 98 -10.83 9.94 12.40
N ASP B 99 -9.52 9.73 12.34
CA ASP B 99 -8.82 9.53 11.05
C ASP B 99 -9.34 8.26 10.36
N THR B 100 -9.45 7.17 11.13
CA THR B 100 -10.00 5.92 10.59
C THR B 100 -11.41 6.12 10.01
N THR B 101 -12.21 6.93 10.71
CA THR B 101 -13.60 7.17 10.29
C THR B 101 -13.68 8.00 9.00
N LYS B 102 -12.91 9.10 8.93
CA LYS B 102 -12.89 9.96 7.74
C LYS B 102 -12.39 9.19 6.54
N LEU B 103 -11.26 8.48 6.69
CA LEU B 103 -10.71 7.63 5.63
C LEU B 103 -11.70 6.57 5.14
N GLY B 105 -14.99 6.36 5.68
CA GLY B 105 -16.11 7.09 5.11
C GLY B 105 -15.96 7.32 3.62
N LYS B 106 -14.79 7.83 3.21
CA LYS B 106 -14.52 8.16 1.80
C LYS B 106 -14.33 6.92 0.97
N ALA B 107 -13.60 5.95 1.50
CA ALA B 107 -13.30 4.74 0.73
C ALA B 107 -14.54 3.86 0.54
N LEU B 108 -15.48 3.90 1.49
CA LEU B 108 -16.68 3.07 1.41
C LEU B 108 -17.90 3.77 0.77
N GLY B 109 -17.76 5.04 0.40
CA GLY B 109 -18.88 5.82 -0.14
C GLY B 109 -19.89 6.16 0.94
N LYS B 110 -19.42 6.25 2.18
CA LYS B 110 -20.26 6.55 3.33
C LYS B 110 -19.80 7.83 4.02
N GLU B 111 -19.48 8.86 3.25
CA GLU B 111 -19.01 10.14 3.79
C GLU B 111 -20.02 10.80 4.74
N LYS B 112 -21.29 10.76 4.35
CA LYS B 112 -22.40 11.26 5.18
C LYS B 112 -22.40 10.60 6.57
N GLU B 113 -22.45 9.27 6.59
CA GLU B 113 -22.45 8.48 7.82
C GLU B 113 -21.23 8.81 8.68
N ALA B 114 -20.10 9.04 8.01
CA ALA B 114 -18.85 9.37 8.71
C ALA B 114 -18.96 10.68 9.46
N GLU B 115 -19.50 11.70 8.80
CA GLU B 115 -19.63 13.05 9.36
C GLU B 115 -20.59 13.05 10.55
N ASP B 116 -21.66 12.27 10.41
CA ASP B 116 -22.65 12.12 11.45
C ASP B 116 -22.12 11.40 12.68
N LEU B 117 -21.23 10.41 12.48
CA LEU B 117 -20.57 9.77 13.63
C LEU B 117 -19.69 10.76 14.36
N LEU B 118 -18.93 11.52 13.58
CA LEU B 118 -17.95 12.45 14.11
C LEU B 118 -18.56 13.70 14.76
N LYS B 119 -19.70 14.15 14.25
CA LYS B 119 -20.44 15.25 14.91
C LYS B 119 -20.92 14.83 16.30
N LYS B 120 -21.47 13.62 16.38
CA LYS B 120 -21.93 13.07 17.64
C LYS B 120 -20.81 13.02 18.66
N TYR B 121 -19.63 12.56 18.23
CA TYR B 121 -18.46 12.56 19.10
C TYR B 121 -18.08 13.97 19.54
N ASP B 122 -17.97 14.88 18.57
CA ASP B 122 -17.60 16.27 18.88
C ASP B 122 -18.62 16.93 19.82
N ASP B 123 -19.89 16.56 19.67
CA ASP B 123 -20.96 16.98 20.59
C ASP B 123 -20.78 16.44 22.02
N LYS B 124 -20.59 15.14 22.14
CA LYS B 124 -20.40 14.53 23.46
C LYS B 124 -19.21 15.15 24.21
N VAL B 125 -18.18 15.56 23.46
CA VAL B 125 -16.97 16.17 24.03
C VAL B 125 -17.21 17.59 24.55
N ALA B 126 -17.86 18.42 23.73
CA ALA B 126 -18.24 19.79 24.12
C ALA B 126 -19.05 19.75 25.42
N ALA B 127 -20.13 18.97 25.40
CA ALA B 127 -20.99 18.74 26.57
C ALA B 127 -20.15 18.36 27.78
N PHE B 128 -19.16 17.49 27.60
CA PHE B 128 -18.37 17.03 28.73
C PHE B 128 -17.54 18.14 29.36
N GLN B 129 -16.90 18.95 28.52
CA GLN B 129 -16.08 20.08 29.00
C GLN B 129 -16.91 21.07 29.84
N LYS B 130 -18.11 21.40 29.36
CA LYS B 130 -19.07 22.22 30.11
C LYS B 130 -19.40 21.58 31.47
N ASP B 131 -19.84 20.33 31.44
CA ASP B 131 -20.28 19.58 32.62
C ASP B 131 -19.17 19.36 33.63
N ALA B 132 -17.94 19.18 33.14
CA ALA B 132 -16.78 18.98 34.02
C ALA B 132 -16.33 20.28 34.68
N LYS B 133 -16.61 21.42 34.02
CA LYS B 133 -16.41 22.72 34.66
C LYS B 133 -17.45 22.87 35.77
N ALA B 134 -18.72 22.77 35.40
CA ALA B 134 -19.79 22.74 36.37
C ALA B 134 -19.36 22.01 37.65
N LYS B 135 -18.91 20.76 37.52
CA LYS B 135 -18.60 19.92 38.68
C LYS B 135 -17.31 20.34 39.44
N TYR B 136 -16.36 20.95 38.73
CA TYR B 136 -15.03 21.21 39.28
C TYR B 136 -14.59 22.68 39.23
N LYS B 137 -14.96 23.36 38.14
CA LYS B 137 -14.36 24.65 37.72
C LYS B 137 -13.57 25.38 38.79
N ASP B 138 -12.25 25.30 38.69
CA ASP B 138 -11.31 25.89 39.64
C ASP B 138 -10.06 25.03 39.61
N ALA B 139 -10.24 23.76 39.99
CA ALA B 139 -9.25 22.73 39.78
C ALA B 139 -9.33 22.23 38.34
N TRP B 140 -10.27 22.79 37.56
CA TRP B 140 -10.42 22.46 36.16
C TRP B 140 -9.62 23.40 35.27
N PRO B 141 -8.84 22.85 34.30
CA PRO B 141 -8.76 21.43 33.90
C PRO B 141 -7.89 20.56 34.81
N LEU B 142 -8.43 19.42 35.21
CA LEU B 142 -7.72 18.44 36.05
C LEU B 142 -6.60 17.76 35.28
N LYS B 143 -5.52 17.42 35.97
CA LYS B 143 -4.50 16.55 35.39
C LYS B 143 -4.92 15.11 35.62
N ALA B 144 -4.86 14.32 34.55
CA ALA B 144 -5.24 12.91 34.59
C ALA B 144 -4.07 12.03 34.18
N SER B 145 -4.04 10.82 34.73
CA SER B 145 -3.16 9.78 34.23
C SER B 145 -3.94 8.49 34.11
N VAL B 146 -3.51 7.63 33.18
CA VAL B 146 -4.20 6.36 32.99
C VAL B 146 -3.21 5.23 33.19
N VAL B 147 -3.56 4.33 34.10
CA VAL B 147 -2.63 3.33 34.57
C VAL B 147 -3.18 1.92 34.36
N ASN B 148 -2.30 1.01 33.99
CA ASN B 148 -2.64 -0.40 33.89
C ASN B 148 -1.59 -1.25 34.59
N PHE B 149 -2.06 -2.04 35.54
CA PHE B 149 -1.19 -2.98 36.23
C PHE B 149 -1.07 -4.28 35.42
N ARG B 150 0.17 -4.74 35.26
CA ARG B 150 0.47 -5.95 34.50
C ARG B 150 1.14 -7.00 35.42
N ALA B 151 1.74 -8.03 34.83
CA ALA B 151 2.36 -9.08 35.63
C ALA B 151 3.72 -8.66 36.19
N ASP B 152 4.60 -8.19 35.33
CA ASP B 152 5.99 -7.89 35.72
C ASP B 152 6.32 -6.39 35.79
N HIS B 153 5.36 -5.54 35.36
CA HIS B 153 5.55 -4.09 35.33
C HIS B 153 4.25 -3.31 35.55
N THR B 154 4.33 -1.99 35.47
CA THR B 154 3.17 -1.09 35.51
C THR B 154 3.21 -0.09 34.35
N ARG B 155 2.09 0.02 33.64
CA ARG B 155 1.99 0.90 32.46
C ARG B 155 1.28 2.20 32.76
N ILE B 156 1.79 3.29 32.20
CA ILE B 156 1.05 4.55 32.09
C ILE B 156 0.61 4.72 30.62
N TYR B 157 -0.69 4.92 30.39
CA TYR B 157 -1.23 5.03 29.03
C TYR B 157 -1.08 6.45 28.51
N ALA B 158 0.17 6.82 28.18
CA ALA B 158 0.55 8.19 27.76
C ALA B 158 -0.20 8.76 26.54
N GLY B 159 0.29 8.43 25.34
CA GLY B 159 -0.43 8.71 24.09
C GLY B 159 -1.56 7.71 23.94
N GLY B 160 -1.75 7.21 22.72
CA GLY B 160 -2.69 6.13 22.49
C GLY B 160 -4.16 6.52 22.54
N TYR B 161 -5.00 5.50 22.50
CA TYR B 161 -6.45 5.66 22.36
C TYR B 161 -7.06 6.58 23.43
N ALA B 162 -6.82 6.23 24.70
CA ALA B 162 -7.34 6.99 25.83
C ALA B 162 -6.76 8.39 25.84
N GLY B 163 -5.44 8.47 25.68
CA GLY B 163 -4.70 9.72 25.64
C GLY B 163 -5.26 10.74 24.66
N GLU B 164 -5.64 10.28 23.47
CA GLU B 164 -6.19 11.19 22.46
C GLU B 164 -7.52 11.75 22.96
N ILE B 165 -8.34 10.86 23.53
CA ILE B 165 -9.67 11.24 23.97
C ILE B 165 -9.61 12.14 25.20
N LEU B 166 -8.80 11.77 26.18
CA LEU B 166 -8.63 12.55 27.41
C LEU B 166 -8.20 14.00 27.21
N ASN B 167 -7.33 14.29 26.24
CA ASN B 167 -7.04 15.70 25.94
C ASN B 167 -7.96 16.34 24.91
N ASP B 168 -8.70 15.52 24.15
CA ASP B 168 -9.86 16.05 23.46
C ASP B 168 -10.79 16.65 24.52
N LEU B 169 -10.90 15.96 25.66
CA LEU B 169 -11.82 16.38 26.71
C LEU B 169 -11.21 17.41 27.66
N GLY B 170 -10.07 17.99 27.28
CA GLY B 170 -9.47 19.08 28.05
C GLY B 170 -8.57 18.71 29.21
N PHE B 171 -8.44 17.42 29.52
CA PHE B 171 -7.53 16.98 30.57
C PHE B 171 -6.08 17.30 30.24
N LYS B 172 -5.27 17.49 31.28
CA LYS B 172 -3.85 17.75 31.12
C LYS B 172 -3.04 16.64 31.77
N ARG B 173 -1.72 16.73 31.69
CA ARG B 173 -0.85 15.75 32.33
C ARG B 173 0.18 16.50 33.18
N ASN B 174 0.82 15.80 34.11
CA ASN B 174 1.93 16.41 34.80
C ASN B 174 3.10 16.64 33.84
N LYS B 175 3.78 17.78 34.03
CA LYS B 175 4.96 18.23 33.27
C LYS B 175 5.78 17.10 32.63
N ASP B 176 6.17 16.14 33.48
CA ASP B 176 7.05 15.06 33.07
C ASP B 176 6.40 14.03 32.15
N LEU B 177 5.16 13.67 32.46
CA LEU B 177 4.36 12.82 31.59
C LEU B 177 4.08 13.49 30.24
N GLN B 178 3.76 14.79 30.27
CA GLN B 178 3.50 15.56 29.06
C GLN B 178 4.70 15.69 28.13
N LYS B 179 5.90 15.72 28.70
CA LYS B 179 7.12 15.74 27.90
C LYS B 179 7.30 14.38 27.23
N GLN B 180 6.92 13.31 27.92
CA GLN B 180 6.99 11.97 27.36
C GLN B 180 6.08 11.82 26.13
N VAL B 181 4.88 12.39 26.21
CA VAL B 181 3.88 12.32 25.13
C VAL B 181 4.33 13.13 23.90
N ASP B 182 4.82 14.35 24.16
CA ASP B 182 5.40 15.22 23.15
C ASP B 182 6.49 14.50 22.37
N ASN B 183 7.35 13.79 23.09
CA ASN B 183 8.45 13.04 22.49
C ASN B 183 8.01 11.77 21.72
N GLY B 184 6.74 11.41 21.85
CA GLY B 184 6.15 10.38 20.99
C GLY B 184 5.95 8.99 21.58
N LYS B 185 6.02 8.89 22.90
CA LYS B 185 5.67 7.62 23.55
C LYS B 185 4.15 7.47 23.67
N ASP B 186 3.67 6.25 23.45
CA ASP B 186 2.25 5.95 23.55
C ASP B 186 1.97 5.19 24.85
N ILE B 187 2.79 4.16 25.11
CA ILE B 187 2.68 3.37 26.33
C ILE B 187 4.03 3.35 27.07
N ILE B 188 4.01 3.66 28.37
CA ILE B 188 5.25 3.73 29.15
C ILE B 188 5.35 2.53 30.11
N GLN B 189 6.55 1.95 30.20
CA GLN B 189 6.79 0.74 30.99
C GLN B 189 7.54 1.09 32.28
N LEU B 190 7.00 0.69 33.42
CA LEU B 190 7.64 0.97 34.71
C LEU B 190 7.96 -0.29 35.53
N THR B 191 9.25 -0.57 35.69
CA THR B 191 9.72 -1.75 36.42
C THR B 191 10.38 -1.33 37.74
N SER B 192 9.87 -0.27 38.34
CA SER B 192 10.51 0.39 39.47
C SER B 192 9.50 1.21 40.28
N LYS B 193 9.32 0.85 41.54
CA LYS B 193 8.43 1.60 42.45
C LYS B 193 8.92 3.04 42.64
N GLU B 194 10.11 3.31 42.13
CA GLU B 194 10.77 4.62 42.16
C GLU B 194 10.08 5.61 41.21
N SER B 195 9.49 5.10 40.14
CA SER B 195 8.97 5.94 39.05
C SER B 195 7.50 6.37 39.19
N ILE B 196 6.85 5.99 40.30
CA ILE B 196 5.44 6.34 40.53
C ILE B 196 5.09 7.83 40.34
N PRO B 197 5.93 8.78 40.86
CA PRO B 197 5.63 10.21 40.67
C PRO B 197 5.30 10.63 39.23
N LEU B 198 5.70 9.83 38.25
CA LEU B 198 5.41 10.10 36.84
C LEU B 198 3.91 9.99 36.50
N ASN B 200 1.61 10.97 38.47
CA ASN B 200 0.96 11.90 39.40
C ASN B 200 -0.03 12.84 38.73
N ALA B 201 -1.26 12.80 39.20
CA ALA B 201 -2.34 13.59 38.65
C ALA B 201 -3.40 13.88 39.70
N ASP B 202 -4.33 14.76 39.36
CA ASP B 202 -5.43 15.08 40.25
C ASP B 202 -6.40 13.91 40.33
N HIS B 203 -6.49 13.15 39.23
CA HIS B 203 -7.26 11.90 39.19
C HIS B 203 -6.52 10.81 38.39
N ILE B 204 -6.59 9.58 38.91
CA ILE B 204 -5.93 8.43 38.30
C ILE B 204 -6.96 7.39 37.92
N PHE B 205 -6.78 6.80 36.74
CA PHE B 205 -7.71 5.82 36.21
C PHE B 205 -7.04 4.46 36.04
N VAL B 206 -7.56 3.45 36.75
CA VAL B 206 -6.98 2.12 36.69
C VAL B 206 -7.78 1.23 35.76
N VAL B 207 -7.15 0.87 34.64
CA VAL B 207 -7.75 0.02 33.62
C VAL B 207 -7.47 -1.44 33.97
N LYS B 208 -8.52 -2.21 34.21
CA LYS B 208 -8.33 -3.60 34.58
C LYS B 208 -8.13 -4.49 33.35
N SER B 209 -6.93 -5.07 33.27
CA SER B 209 -6.61 -6.12 32.30
C SER B 209 -7.62 -7.26 32.33
N ASP B 210 -7.48 -8.19 31.38
CA ASP B 210 -8.38 -9.34 31.22
C ASP B 210 -8.52 -10.14 32.54
N PRO B 211 -9.73 -10.11 33.15
CA PRO B 211 -9.92 -10.75 34.47
C PRO B 211 -9.40 -12.19 34.53
N ASN B 212 -9.99 -13.09 33.73
CA ASN B 212 -9.51 -14.47 33.64
C ASN B 212 -8.65 -14.75 32.40
N ALA B 213 -7.34 -14.69 32.58
CA ALA B 213 -6.36 -15.09 31.58
C ALA B 213 -5.22 -15.79 32.29
N LYS B 214 -4.33 -16.45 31.54
CA LYS B 214 -3.11 -17.01 32.13
C LYS B 214 -2.23 -15.85 32.61
N ASP B 215 -1.42 -16.12 33.63
CA ASP B 215 -0.59 -15.11 34.33
C ASP B 215 -1.33 -13.86 34.88
N ALA B 216 -2.64 -14.01 35.11
CA ALA B 216 -3.44 -13.00 35.82
C ALA B 216 -3.07 -12.95 37.32
N ALA B 217 -2.41 -14.01 37.79
CA ALA B 217 -1.99 -14.13 39.19
C ALA B 217 -1.01 -13.01 39.58
N LEU B 218 0.08 -12.90 38.82
CA LEU B 218 1.09 -11.87 39.04
C LEU B 218 0.51 -10.46 38.95
N VAL B 219 -0.57 -10.32 38.16
CA VAL B 219 -1.21 -9.03 37.88
C VAL B 219 -1.89 -8.40 39.11
N LYS B 220 -2.69 -9.17 39.84
CA LYS B 220 -3.24 -8.68 41.10
C LYS B 220 -2.19 -8.67 42.21
N LYS B 221 -1.11 -9.45 42.02
CA LYS B 221 0.01 -9.47 42.95
C LYS B 221 0.81 -8.16 42.83
N THR B 222 0.99 -7.68 41.59
CA THR B 222 1.73 -6.45 41.30
C THR B 222 0.93 -5.20 41.69
N GLU B 223 -0.37 -5.22 41.46
CA GLU B 223 -1.25 -4.14 41.94
C GLU B 223 -1.09 -4.00 43.46
N SER B 224 -1.09 -5.15 44.15
CA SER B 224 -0.88 -5.22 45.60
C SER B 224 0.52 -4.74 45.99
N GLU B 225 1.53 -5.09 45.19
CA GLU B 225 2.92 -4.66 45.42
C GLU B 225 3.14 -3.15 45.29
N TRP B 226 2.31 -2.49 44.48
CA TRP B 226 2.52 -1.07 44.16
C TRP B 226 1.57 -0.14 44.89
N THR B 227 0.35 -0.61 45.18
CA THR B 227 -0.59 0.17 46.01
C THR B 227 -0.17 0.21 47.50
N SER B 228 0.66 -0.75 47.90
CA SER B 228 1.25 -0.80 49.25
C SER B 228 2.43 0.15 49.42
N SER B 229 2.99 0.61 48.30
CA SER B 229 4.19 1.44 48.30
C SER B 229 3.91 2.86 48.80
N LYS B 230 4.90 3.42 49.50
CA LYS B 230 4.78 4.76 50.10
C LYS B 230 4.66 5.88 49.07
N GLU B 231 5.06 5.60 47.84
CA GLU B 231 5.01 6.59 46.75
C GLU B 231 3.67 6.60 46.03
N TRP B 232 3.05 5.43 45.92
CA TRP B 232 1.67 5.33 45.43
C TRP B 232 0.76 6.04 46.42
N LYS B 233 1.01 5.82 47.72
CA LYS B 233 0.25 6.48 48.78
C LYS B 233 0.51 8.00 48.83
N ASN B 234 1.67 8.42 48.33
CA ASN B 234 2.03 9.85 48.29
C ASN B 234 1.40 10.65 47.14
N LEU B 235 0.79 9.95 46.18
CA LEU B 235 0.17 10.60 45.02
C LEU B 235 -1.02 11.50 45.39
N ASP B 236 -1.19 12.58 44.64
CA ASP B 236 -2.23 13.57 44.91
C ASP B 236 -3.63 12.95 44.87
N ALA B 237 -3.84 12.10 43.87
CA ALA B 237 -5.14 11.46 43.64
C ALA B 237 -5.46 10.37 44.66
N VAL B 238 -4.44 9.63 45.08
CA VAL B 238 -4.64 8.57 46.07
C VAL B 238 -5.09 9.15 47.42
N LYS B 239 -4.30 10.10 47.94
CA LYS B 239 -4.60 10.72 49.22
C LYS B 239 -5.97 11.39 49.21
N ASN B 240 -6.30 12.05 48.10
CA ASN B 240 -7.56 12.79 47.99
C ASN B 240 -8.78 12.00 47.50
N ASN B 241 -8.71 10.67 47.61
CA ASN B 241 -9.81 9.77 47.22
C ASN B 241 -10.27 10.03 45.77
N GLN B 242 -9.29 10.16 44.88
CA GLN B 242 -9.53 10.52 43.50
C GLN B 242 -8.96 9.47 42.56
N VAL B 243 -9.18 8.20 42.90
CA VAL B 243 -8.73 7.09 42.07
C VAL B 243 -9.95 6.31 41.57
N SER B 244 -10.01 6.11 40.27
CA SER B 244 -11.03 5.26 39.68
C SER B 244 -10.45 3.89 39.37
N ASP B 245 -11.32 2.88 39.44
CA ASP B 245 -10.90 1.49 39.39
C ASP B 245 -11.80 0.71 38.42
N ASP B 246 -11.38 -0.50 38.08
CA ASP B 246 -12.19 -1.43 37.26
C ASP B 246 -12.65 -0.85 35.91
N LEU B 247 -11.77 -0.09 35.27
CA LEU B 247 -12.11 0.42 33.95
C LEU B 247 -11.82 -0.66 32.91
N ASP B 248 -12.81 -0.91 32.07
CA ASP B 248 -12.76 -1.98 31.07
C ASP B 248 -11.71 -1.68 29.97
N GLU B 249 -10.67 -2.51 29.91
CA GLU B 249 -9.58 -2.32 28.94
C GLU B 249 -10.00 -2.36 27.45
N ILE B 250 -11.09 -3.05 27.14
CA ILE B 250 -11.66 -3.09 25.79
C ILE B 250 -12.11 -1.68 25.41
N THR B 251 -12.83 -1.03 26.32
CA THR B 251 -13.27 0.34 26.09
C THR B 251 -12.10 1.32 26.12
N TRP B 252 -11.18 1.13 27.06
CA TRP B 252 -10.14 2.12 27.35
C TRP B 252 -8.87 1.95 26.52
N ASN B 253 -8.75 0.84 25.79
CA ASN B 253 -7.58 0.61 24.94
C ASN B 253 -7.77 -0.31 23.73
N LEU B 254 -8.33 -1.50 23.96
CA LEU B 254 -8.24 -2.58 22.98
C LEU B 254 -9.11 -2.40 21.71
N ALA B 255 -10.38 -2.03 21.88
CA ALA B 255 -11.28 -1.92 20.72
C ALA B 255 -10.87 -0.83 19.70
N GLY B 256 -10.24 0.24 20.19
CA GLY B 256 -9.65 1.31 19.38
C GLY B 256 -10.51 2.10 18.39
N GLY B 257 -11.83 1.92 18.41
CA GLY B 257 -12.66 2.47 17.35
C GLY B 257 -13.60 3.59 17.73
N TYR B 258 -14.67 3.73 16.98
CA TYR B 258 -15.65 4.77 17.23
C TYR B 258 -16.55 4.49 18.46
N LYS B 259 -17.16 3.31 18.47
CA LYS B 259 -18.13 2.94 19.51
C LYS B 259 -17.59 3.10 20.94
N SER B 260 -16.32 2.79 21.15
CA SER B 260 -15.70 2.94 22.46
C SER B 260 -15.51 4.39 22.94
N SER B 261 -15.45 5.35 22.03
CA SER B 261 -15.26 6.75 22.42
C SER B 261 -16.44 7.24 23.26
N LEU B 262 -17.65 6.95 22.78
CA LEU B 262 -18.89 7.31 23.49
C LEU B 262 -18.99 6.63 24.85
N LYS B 263 -18.63 5.35 24.90
CA LYS B 263 -18.62 4.59 26.14
C LYS B 263 -17.52 5.04 27.11
N LEU B 264 -16.37 5.49 26.58
CA LEU B 264 -15.30 6.02 27.43
C LEU B 264 -15.76 7.28 28.17
N ILE B 265 -16.44 8.18 27.45
CA ILE B 265 -16.94 9.41 28.04
C ILE B 265 -17.98 9.05 29.13
N ASP B 266 -18.87 8.11 28.81
CA ASP B 266 -19.86 7.61 29.78
C ASP B 266 -19.21 6.97 30.99
N ASP B 267 -18.09 6.28 30.78
CA ASP B 267 -17.27 5.78 31.88
C ASP B 267 -16.71 6.93 32.73
N LEU B 268 -16.44 8.07 32.10
CA LEU B 268 -15.90 9.23 32.79
C LEU B 268 -16.95 9.90 33.70
N TYR B 269 -18.15 10.10 33.16
CA TYR B 269 -19.31 10.51 33.96
C TYR B 269 -19.51 9.60 35.18
N GLU B 270 -19.89 8.35 34.93
CA GLU B 270 -20.19 7.38 35.99
C GLU B 270 -19.06 7.17 36.99
N LYS B 271 -17.84 7.55 36.63
CA LYS B 271 -16.70 7.38 37.56
C LYS B 271 -16.35 8.63 38.35
N LEU B 272 -16.81 9.79 37.88
CA LEU B 272 -16.47 11.06 38.52
C LEU B 272 -17.70 11.79 39.08
N ASN B 273 -18.87 11.17 38.89
CA ASN B 273 -20.18 11.70 39.34
C ASN B 273 -20.59 13.03 38.74
N ILE B 274 -19.94 13.39 37.65
CA ILE B 274 -20.22 14.62 36.91
C ILE B 274 -21.67 14.62 36.45
N GLU B 275 -22.44 15.59 36.91
CA GLU B 275 -23.82 15.76 36.44
C GLU B 275 -23.81 16.45 35.07
N LYS B 276 -24.83 16.16 34.26
CA LYS B 276 -25.01 16.84 32.99
C LYS B 276 -25.34 18.32 33.19
#